data_8HKG
#
_entry.id   8HKG
#
_cell.length_a   33.922
_cell.length_b   99.461
_cell.length_c   87.833
_cell.angle_alpha   90.000
_cell.angle_beta   100.907
_cell.angle_gamma   90.000
#
_symmetry.space_group_name_H-M   'P 1 21 1'
#
loop_
_entity.id
_entity.type
_entity.pdbx_description
1 polymer xylanase
2 water water
#
_entity_poly.entity_id   1
_entity_poly.type   'polypeptide(L)'
_entity_poly.pdbx_seq_one_letter_code
;QGLKDIYKDYFLIGVAVNQRNVSNAEQAALVKQEFNSITCENDMKPEPTEPQEGKFNWEAADRIANFCRTNGIKLRGHCL
MWHSQIGRWMYSDNPTKEVFFQRMKNHIQAVVSRYKDVVYAWDVVNEAMTDDPKAEDPFRQSPLYKIAGDEFIAKAFQYA
READPNALLFYNDYNECDPVKSQRIYEMVKRMKENGVPIDGIGMQGHYNIYGPTEAEIDAAITKYKSIVKHIHVTELDIR
VNAEMGGQLQFSREGVAVSDSVKQHLADQYARVFNVLRKHRDVIDCVTFWNLSDRDSWLGQNNYPLPFDANYKPKMAYDY
IKQMKAPAWPIPEKPKPNPNQQRQRRRGGFGGPQRPPFNPALAFAEQPGVKEDFVPSELNQPG
;
_entity_poly.pdbx_strand_id   A,B
#
# COMPACT_ATOMS: atom_id res chain seq x y z
N GLN A 1 -12.47 -30.77 18.06
CA GLN A 1 -12.62 -31.86 17.10
C GLN A 1 -12.60 -31.44 15.64
N GLY A 2 -13.77 -31.17 15.03
CA GLY A 2 -13.79 -30.68 13.67
C GLY A 2 -13.16 -29.30 13.52
N LEU A 3 -12.66 -29.00 12.32
CA LEU A 3 -12.07 -27.69 12.06
C LEU A 3 -13.08 -26.59 12.32
N LYS A 4 -14.28 -26.78 11.80
CA LYS A 4 -15.43 -25.94 12.10
C LYS A 4 -15.58 -25.71 13.61
N ASP A 5 -15.29 -26.75 14.41
CA ASP A 5 -15.38 -26.65 15.87
C ASP A 5 -14.22 -25.85 16.46
N ILE A 6 -13.00 -26.27 16.16
CA ILE A 6 -11.82 -25.58 16.69
C ILE A 6 -11.96 -24.08 16.51
N TYR A 7 -12.47 -23.66 15.36
CA TYR A 7 -12.56 -22.25 15.01
C TYR A 7 -13.98 -21.72 15.17
N LYS A 8 -14.82 -22.41 15.93
CA LYS A 8 -16.22 -22.01 16.10
C LYS A 8 -16.32 -20.63 16.74
N ASP A 9 -15.19 -20.00 17.03
CA ASP A 9 -15.25 -18.66 17.54
C ASP A 9 -14.41 -17.66 16.78
N TYR A 10 -13.62 -18.10 15.79
CA TYR A 10 -12.87 -17.21 14.92
C TYR A 10 -13.65 -16.86 13.64
N PHE A 11 -14.20 -17.88 13.00
CA PHE A 11 -14.86 -17.75 11.70
C PHE A 11 -15.40 -19.11 11.30
N LEU A 12 -16.46 -19.12 10.51
CA LEU A 12 -16.84 -20.34 9.81
C LEU A 12 -15.62 -20.92 9.11
N ILE A 13 -15.50 -22.24 9.13
CA ILE A 13 -14.43 -22.94 8.43
C ILE A 13 -15.09 -23.71 7.30
N GLY A 14 -14.77 -23.31 6.07
CA GLY A 14 -15.63 -23.67 4.96
C GLY A 14 -14.86 -24.37 3.88
N VAL A 15 -15.57 -25.03 2.99
CA VAL A 15 -14.94 -25.71 1.87
C VAL A 15 -15.77 -25.44 0.63
N ALA A 16 -15.11 -25.44 -0.51
CA ALA A 16 -15.81 -25.42 -1.78
C ALA A 16 -15.96 -26.86 -2.22
N VAL A 17 -17.19 -27.30 -2.41
CA VAL A 17 -17.46 -28.68 -2.79
C VAL A 17 -18.22 -28.68 -4.11
N ASN A 18 -17.92 -29.66 -4.96
CA ASN A 18 -18.68 -29.88 -6.18
C ASN A 18 -19.80 -30.88 -5.88
N GLN A 19 -20.48 -31.38 -6.90
CA GLN A 19 -21.58 -32.30 -6.64
C GLN A 19 -21.09 -33.67 -6.17
N ARG A 20 -19.88 -34.09 -6.60
CA ARG A 20 -19.41 -35.40 -6.19
C ARG A 20 -19.23 -35.48 -4.68
N ASN A 21 -18.69 -34.41 -4.08
CA ASN A 21 -18.33 -34.48 -2.67
C ASN A 21 -19.57 -34.62 -1.79
N VAL A 22 -20.65 -33.91 -2.11
CA VAL A 22 -21.90 -34.09 -1.38
C VAL A 22 -22.71 -35.26 -1.94
N SER A 23 -22.23 -35.91 -3.01
CA SER A 23 -22.82 -37.14 -3.52
C SER A 23 -22.16 -38.36 -2.88
N ASN A 24 -20.84 -38.44 -3.00
CA ASN A 24 -20.09 -39.49 -2.33
C ASN A 24 -20.38 -39.46 -0.82
N ALA A 25 -21.03 -40.52 -0.32
CA ALA A 25 -21.37 -40.62 1.10
C ALA A 25 -20.18 -40.29 2.00
N GLU A 26 -18.97 -40.74 1.64
CA GLU A 26 -17.83 -40.64 2.56
C GLU A 26 -17.21 -39.24 2.54
N GLN A 27 -17.08 -38.64 1.34
CA GLN A 27 -16.67 -37.23 1.25
C GLN A 27 -17.69 -36.31 1.95
N ALA A 28 -18.98 -36.64 1.83
CA ALA A 28 -20.02 -35.84 2.48
C ALA A 28 -19.89 -35.90 3.99
N ALA A 29 -19.65 -37.08 4.56
CA ALA A 29 -19.49 -37.20 6.00
C ALA A 29 -18.31 -36.37 6.49
N LEU A 30 -17.29 -36.21 5.64
CA LEU A 30 -16.14 -35.39 6.01
C LEU A 30 -16.52 -33.92 6.00
N VAL A 31 -17.14 -33.48 4.92
CA VAL A 31 -17.65 -32.12 4.85
C VAL A 31 -18.50 -31.81 6.08
N LYS A 32 -19.55 -32.63 6.31
CA LYS A 32 -20.34 -32.51 7.53
C LYS A 32 -19.43 -32.39 8.75
N GLN A 33 -18.41 -33.24 8.81
CA GLN A 33 -17.55 -33.33 9.99
C GLN A 33 -16.68 -32.09 10.17
N GLU A 34 -16.23 -31.46 9.08
CA GLU A 34 -15.17 -30.47 9.18
C GLU A 34 -15.59 -29.03 8.95
N PHE A 35 -16.77 -28.79 8.41
CA PHE A 35 -17.07 -27.46 7.92
C PHE A 35 -18.48 -27.05 8.26
N ASN A 36 -18.62 -25.78 8.61
CA ASN A 36 -19.89 -25.11 8.84
C ASN A 36 -20.17 -24.09 7.76
N SER A 37 -19.48 -24.19 6.63
CA SER A 37 -19.74 -23.32 5.51
C SER A 37 -19.39 -24.07 4.22
N ILE A 38 -20.23 -23.90 3.22
CA ILE A 38 -19.99 -24.53 1.95
C ILE A 38 -20.10 -23.44 0.89
N THR A 39 -19.06 -23.31 0.08
CA THR A 39 -19.19 -22.61 -1.17
C THR A 39 -19.53 -23.66 -2.22
N CYS A 40 -20.51 -23.37 -3.04
CA CYS A 40 -20.69 -24.18 -4.22
C CYS A 40 -19.50 -23.98 -5.14
N GLU A 41 -18.74 -25.06 -5.38
CA GLU A 41 -17.46 -24.93 -6.08
C GLU A 41 -17.65 -24.57 -7.53
N ASN A 42 -18.60 -25.24 -8.20
CA ASN A 42 -18.72 -25.21 -9.65
C ASN A 42 -18.67 -23.78 -10.16
N ASP A 43 -17.45 -23.26 -10.23
CA ASP A 43 -17.09 -21.88 -10.55
C ASP A 43 -17.27 -21.59 -12.03
N ASN A 57 -29.01 -24.56 -16.61
CA ASN A 57 -29.54 -25.71 -15.86
C ASN A 57 -28.73 -25.94 -14.58
N TRP A 58 -29.16 -25.23 -13.53
CA TRP A 58 -28.44 -25.12 -12.26
C TRP A 58 -28.80 -26.24 -11.29
N GLU A 59 -28.77 -27.48 -11.79
CA GLU A 59 -29.01 -28.63 -10.92
C GLU A 59 -27.95 -28.71 -9.83
N ALA A 60 -26.70 -28.45 -10.20
CA ALA A 60 -25.58 -28.52 -9.26
C ALA A 60 -25.78 -27.57 -8.08
N ALA A 61 -26.07 -26.30 -8.37
CA ALA A 61 -26.41 -25.36 -7.31
C ALA A 61 -27.56 -25.87 -6.46
N ASP A 62 -28.50 -26.62 -7.05
CA ASP A 62 -29.60 -27.16 -6.27
C ASP A 62 -29.10 -28.18 -5.26
N ARG A 63 -28.33 -29.16 -5.73
CA ARG A 63 -27.84 -30.22 -4.85
C ARG A 63 -26.99 -29.63 -3.72
N ILE A 64 -25.98 -28.80 -4.07
CA ILE A 64 -25.13 -28.19 -3.05
C ILE A 64 -25.98 -27.41 -2.07
N ALA A 65 -27.01 -26.71 -2.58
CA ALA A 65 -27.88 -25.92 -1.70
C ALA A 65 -28.67 -26.83 -0.77
N ASN A 66 -29.28 -27.88 -1.33
CA ASN A 66 -30.03 -28.83 -0.51
C ASN A 66 -29.14 -29.52 0.50
N PHE A 67 -27.93 -29.91 0.09
CA PHE A 67 -27.01 -30.50 1.05
C PHE A 67 -26.88 -29.60 2.28
N CYS A 68 -26.67 -28.29 2.03
CA CYS A 68 -26.60 -27.31 3.12
C CYS A 68 -27.93 -27.16 3.83
N ARG A 69 -29.03 -27.19 3.09
CA ARG A 69 -30.38 -27.15 3.67
C ARG A 69 -30.55 -28.24 4.72
N THR A 70 -30.63 -29.50 4.29
CA THR A 70 -30.96 -30.57 5.23
C THR A 70 -29.87 -30.83 6.26
N ASN A 71 -28.64 -30.35 6.02
CA ASN A 71 -27.57 -30.53 6.99
C ASN A 71 -27.22 -29.23 7.71
N GLY A 72 -28.04 -28.20 7.59
CA GLY A 72 -27.81 -26.94 8.28
C GLY A 72 -26.40 -26.37 8.20
N ILE A 73 -25.80 -26.39 7.01
CA ILE A 73 -24.50 -25.79 6.74
C ILE A 73 -24.72 -24.48 6.01
N LYS A 74 -24.00 -23.44 6.42
CA LYS A 74 -24.10 -22.17 5.73
C LYS A 74 -23.51 -22.30 4.32
N LEU A 75 -24.19 -21.68 3.35
CA LEU A 75 -23.83 -21.76 1.94
C LEU A 75 -23.28 -20.41 1.50
N ARG A 76 -22.04 -20.41 0.97
CA ARG A 76 -21.49 -19.22 0.35
C ARG A 76 -21.88 -19.22 -1.12
N GLY A 77 -22.70 -18.24 -1.51
CA GLY A 77 -23.15 -18.15 -2.88
C GLY A 77 -22.04 -17.71 -3.78
N HIS A 78 -21.75 -18.50 -4.80
CA HIS A 78 -20.66 -18.22 -5.71
C HIS A 78 -20.95 -18.99 -6.98
N CYS A 79 -21.13 -20.30 -6.81
CA CYS A 79 -21.45 -21.27 -7.85
C CYS A 79 -21.97 -20.66 -9.15
N LEU A 80 -23.17 -20.08 -9.11
CA LEU A 80 -23.78 -19.61 -10.36
C LEU A 80 -23.36 -18.18 -10.70
N MET A 81 -23.25 -17.31 -9.72
CA MET A 81 -22.96 -15.91 -9.99
C MET A 81 -21.48 -15.60 -9.77
N TRP A 89 -23.59 -16.63 -23.45
CA TRP A 89 -24.95 -16.09 -23.72
C TRP A 89 -25.09 -14.59 -23.45
N MET A 90 -24.76 -14.18 -22.23
CA MET A 90 -25.29 -12.91 -21.74
C MET A 90 -24.48 -11.71 -22.23
N TYR A 91 -23.34 -11.95 -22.89
CA TYR A 91 -22.67 -10.87 -23.62
C TYR A 91 -22.18 -11.29 -24.99
N SER A 92 -22.37 -12.55 -25.40
CA SER A 92 -21.91 -12.93 -26.73
C SER A 92 -22.51 -12.03 -27.80
N ASP A 93 -23.78 -11.66 -27.63
CA ASP A 93 -24.51 -10.85 -28.60
C ASP A 93 -24.21 -9.37 -28.50
N ASN A 94 -23.20 -9.00 -27.74
CA ASN A 94 -22.85 -7.61 -27.47
C ASN A 94 -24.09 -6.80 -27.12
N PRO A 95 -24.73 -7.10 -25.99
CA PRO A 95 -25.90 -6.33 -25.60
C PRO A 95 -25.51 -4.90 -25.33
N THR A 96 -26.51 -4.03 -25.32
CA THR A 96 -26.27 -2.69 -24.81
C THR A 96 -26.22 -2.72 -23.30
N LYS A 97 -25.41 -1.81 -22.73
CA LYS A 97 -25.32 -1.65 -21.28
C LYS A 97 -26.67 -1.84 -20.62
N GLU A 98 -27.69 -1.19 -21.17
CA GLU A 98 -29.04 -1.34 -20.65
C GLU A 98 -29.45 -2.80 -20.64
N VAL A 99 -29.39 -3.45 -21.80
CA VAL A 99 -29.88 -4.82 -21.87
C VAL A 99 -29.00 -5.75 -21.05
N PHE A 100 -27.69 -5.52 -21.08
CA PHE A 100 -26.80 -6.30 -20.24
C PHE A 100 -27.21 -6.20 -18.77
N PHE A 101 -27.62 -5.01 -18.34
CA PHE A 101 -27.97 -4.82 -16.94
C PHE A 101 -29.27 -5.50 -16.57
N GLN A 102 -30.22 -5.58 -17.51
CA GLN A 102 -31.44 -6.31 -17.20
C GLN A 102 -31.15 -7.80 -17.14
N ARG A 103 -30.28 -8.28 -18.02
CA ARG A 103 -29.86 -9.67 -17.96
C ARG A 103 -29.15 -9.97 -16.66
N MET A 104 -28.35 -9.02 -16.19
CA MET A 104 -27.73 -9.12 -14.89
C MET A 104 -28.84 -9.28 -13.87
N LYS A 105 -29.50 -8.17 -13.50
CA LYS A 105 -30.56 -8.17 -12.51
C LYS A 105 -31.44 -9.42 -12.60
N ASN A 106 -31.85 -9.83 -13.81
CA ASN A 106 -32.58 -11.08 -13.94
C ASN A 106 -31.81 -12.22 -13.29
N HIS A 107 -30.72 -12.63 -13.93
CA HIS A 107 -29.87 -13.69 -13.38
C HIS A 107 -29.58 -13.49 -11.89
N ILE A 108 -29.06 -12.31 -11.54
CA ILE A 108 -28.71 -12.07 -10.14
C ILE A 108 -29.91 -12.30 -9.25
N GLN A 109 -31.03 -11.66 -9.55
CA GLN A 109 -32.22 -11.82 -8.70
C GLN A 109 -32.80 -13.22 -8.78
N ALA A 110 -32.63 -13.92 -9.91
CA ALA A 110 -33.06 -15.31 -9.97
C ALA A 110 -32.17 -16.16 -9.09
N VAL A 111 -30.86 -16.13 -9.34
CA VAL A 111 -29.91 -16.89 -8.53
C VAL A 111 -30.15 -16.61 -7.05
N VAL A 112 -30.32 -15.34 -6.70
CA VAL A 112 -30.36 -14.96 -5.29
C VAL A 112 -31.66 -15.43 -4.63
N SER A 113 -32.79 -15.28 -5.33
CA SER A 113 -34.06 -15.68 -4.74
C SER A 113 -34.07 -17.18 -4.44
N ARG A 114 -33.60 -17.99 -5.39
CA ARG A 114 -33.71 -19.43 -5.24
C ARG A 114 -32.97 -19.94 -4.01
N TYR A 115 -31.94 -19.20 -3.56
CA TYR A 115 -31.10 -19.69 -2.47
C TYR A 115 -30.96 -18.69 -1.33
N LYS A 116 -31.78 -17.63 -1.27
CA LYS A 116 -31.68 -16.72 -0.13
C LYS A 116 -32.02 -17.42 1.19
N ASP A 117 -32.69 -18.58 1.14
CA ASP A 117 -32.94 -19.34 2.36
C ASP A 117 -31.66 -19.89 2.96
N VAL A 118 -30.71 -20.33 2.12
CA VAL A 118 -29.48 -20.99 2.56
C VAL A 118 -28.26 -20.09 2.44
N VAL A 119 -28.15 -19.35 1.34
CA VAL A 119 -26.96 -18.55 1.12
C VAL A 119 -26.90 -17.42 2.13
N TYR A 120 -25.80 -17.35 2.88
CA TYR A 120 -25.59 -16.21 3.76
C TYR A 120 -24.70 -15.14 3.15
N ALA A 121 -23.96 -15.44 2.10
CA ALA A 121 -22.98 -14.50 1.55
C ALA A 121 -22.88 -14.74 0.07
N TRP A 122 -22.66 -13.70 -0.70
CA TRP A 122 -22.58 -13.85 -2.14
C TRP A 122 -21.26 -13.24 -2.61
N ASP A 123 -20.56 -13.98 -3.47
CA ASP A 123 -19.56 -13.38 -4.35
C ASP A 123 -20.36 -12.74 -5.49
N VAL A 124 -20.74 -11.48 -5.30
CA VAL A 124 -21.54 -10.80 -6.30
C VAL A 124 -20.69 -10.54 -7.54
N VAL A 125 -19.47 -10.03 -7.34
CA VAL A 125 -18.56 -9.78 -8.45
C VAL A 125 -17.25 -10.47 -8.11
N ASN A 126 -16.67 -11.16 -9.09
CA ASN A 126 -15.41 -11.85 -8.92
C ASN A 126 -14.38 -11.22 -9.83
N GLU A 127 -13.18 -10.97 -9.30
CA GLU A 127 -12.01 -10.74 -10.15
C GLU A 127 -12.27 -9.70 -11.23
N ALA A 128 -12.84 -8.57 -10.82
CA ALA A 128 -13.01 -7.43 -11.72
C ALA A 128 -11.70 -6.70 -11.96
N MET A 129 -10.77 -6.79 -11.00
CA MET A 129 -9.48 -6.12 -11.11
C MET A 129 -8.52 -6.95 -11.95
N THR A 130 -7.67 -6.25 -12.71
CA THR A 130 -6.63 -6.89 -13.49
C THR A 130 -5.42 -7.24 -12.64
N ASP A 131 -4.70 -8.29 -13.05
CA ASP A 131 -3.43 -8.65 -12.43
C ASP A 131 -2.25 -7.91 -13.03
N ASP A 132 -2.48 -7.13 -14.08
CA ASP A 132 -1.38 -6.46 -14.75
C ASP A 132 -0.97 -5.26 -13.91
N PRO A 133 0.24 -5.23 -13.36
CA PRO A 133 0.68 -3.98 -12.72
C PRO A 133 0.85 -2.88 -13.72
N LYS A 134 1.36 -3.21 -14.91
CA LYS A 134 1.64 -2.24 -15.98
C LYS A 134 0.38 -2.03 -16.84
N ALA A 135 -0.65 -1.52 -16.17
CA ALA A 135 -1.97 -1.36 -16.76
C ALA A 135 -2.57 -0.06 -16.24
N GLU A 136 -2.80 0.89 -17.14
CA GLU A 136 -3.37 2.17 -16.74
C GLU A 136 -4.72 1.95 -16.06
N ASP A 137 -5.51 1.02 -16.57
CA ASP A 137 -6.83 0.73 -16.04
C ASP A 137 -6.76 -0.46 -15.11
N PRO A 138 -7.12 -0.29 -13.82
CA PRO A 138 -6.99 -1.37 -12.85
C PRO A 138 -8.09 -2.42 -12.93
N PHE A 139 -9.06 -2.29 -13.82
CA PHE A 139 -10.06 -3.33 -13.95
C PHE A 139 -9.62 -4.34 -14.99
N ARG A 140 -9.91 -5.60 -14.75
CA ARG A 140 -9.76 -6.61 -15.78
C ARG A 140 -10.66 -6.22 -16.95
N GLN A 141 -10.07 -6.10 -18.16
CA GLN A 141 -10.83 -5.69 -19.34
C GLN A 141 -11.73 -6.84 -19.79
N SER A 142 -12.49 -7.37 -18.85
CA SER A 142 -13.42 -8.43 -19.13
C SER A 142 -14.50 -7.88 -20.03
N PRO A 143 -15.16 -8.75 -20.79
CA PRO A 143 -16.35 -8.32 -21.56
C PRO A 143 -17.32 -7.49 -20.76
N LEU A 144 -17.64 -7.92 -19.53
CA LEU A 144 -18.58 -7.17 -18.70
C LEU A 144 -18.11 -5.74 -18.51
N TYR A 145 -16.80 -5.56 -18.34
CA TYR A 145 -16.28 -4.23 -18.12
C TYR A 145 -16.35 -3.40 -19.40
N LYS A 146 -16.01 -4.02 -20.54
CA LYS A 146 -15.93 -3.25 -21.78
C LYS A 146 -17.28 -2.63 -22.15
N ILE A 147 -18.39 -3.26 -21.75
CA ILE A 147 -19.74 -2.72 -21.92
C ILE A 147 -20.03 -1.60 -20.93
N ALA A 148 -19.66 -1.80 -19.67
CA ALA A 148 -20.31 -1.09 -18.57
C ALA A 148 -19.34 -0.31 -17.68
N GLY A 149 -18.13 -0.80 -17.52
CA GLY A 149 -17.20 -0.12 -16.64
C GLY A 149 -17.47 -0.43 -15.18
N ASP A 150 -17.11 0.53 -14.32
CA ASP A 150 -17.33 0.43 -12.88
C ASP A 150 -18.73 -0.10 -12.61
N GLU A 151 -19.72 0.46 -13.31
CA GLU A 151 -21.07 0.38 -12.78
C GLU A 151 -21.67 -1.03 -12.88
N PHE A 152 -21.10 -1.95 -13.66
CA PHE A 152 -21.60 -3.30 -13.59
C PHE A 152 -21.37 -3.90 -12.21
N ILE A 153 -20.35 -3.42 -11.50
CA ILE A 153 -20.14 -3.85 -10.13
C ILE A 153 -21.22 -3.25 -9.26
N ALA A 154 -21.33 -1.92 -9.30
CA ALA A 154 -22.44 -1.20 -8.69
C ALA A 154 -23.77 -1.91 -8.95
N LYS A 155 -24.14 -2.07 -10.23
CA LYS A 155 -25.42 -2.72 -10.55
C LYS A 155 -25.50 -4.10 -9.91
N ALA A 156 -24.43 -4.90 -10.04
CA ALA A 156 -24.43 -6.26 -9.52
C ALA A 156 -24.73 -6.27 -8.02
N PHE A 157 -24.15 -5.35 -7.27
CA PHE A 157 -24.42 -5.32 -5.84
C PHE A 157 -25.80 -4.75 -5.54
N GLN A 158 -26.19 -3.70 -6.27
CA GLN A 158 -27.54 -3.17 -6.16
C GLN A 158 -28.57 -4.24 -6.49
N TYR A 159 -28.40 -4.93 -7.60
CA TYR A 159 -29.31 -6.03 -7.90
C TYR A 159 -29.34 -7.04 -6.77
N ALA A 160 -28.16 -7.40 -6.25
CA ALA A 160 -28.09 -8.49 -5.29
C ALA A 160 -28.56 -8.05 -3.93
N ARG A 161 -28.12 -6.88 -3.47
CA ARG A 161 -28.68 -6.32 -2.25
C ARG A 161 -30.20 -6.33 -2.28
N GLU A 162 -30.76 -5.81 -3.37
CA GLU A 162 -32.20 -5.82 -3.59
C GLU A 162 -32.78 -7.22 -3.43
N ALA A 163 -32.26 -8.18 -4.20
CA ALA A 163 -32.88 -9.51 -4.22
C ALA A 163 -32.79 -10.19 -2.85
N ASP A 164 -31.70 -9.96 -2.12
CA ASP A 164 -31.60 -10.46 -0.74
C ASP A 164 -30.99 -9.35 0.08
N PRO A 165 -31.78 -8.72 0.94
CA PRO A 165 -31.32 -7.51 1.63
C PRO A 165 -30.31 -7.90 2.67
N ASN A 166 -29.51 -8.92 2.40
CA ASN A 166 -29.16 -9.68 3.62
C ASN A 166 -27.89 -10.48 3.71
N ALA A 167 -27.82 -11.60 2.96
CA ALA A 167 -26.57 -12.04 2.40
C ALA A 167 -25.64 -10.85 2.41
N LEU A 168 -24.66 -10.92 3.30
CA LEU A 168 -23.46 -10.15 3.08
C LEU A 168 -23.05 -10.31 1.62
N LEU A 169 -22.59 -9.23 1.02
CA LEU A 169 -22.30 -9.22 -0.40
C LEU A 169 -20.83 -8.89 -0.56
N PHE A 170 -20.12 -9.77 -1.25
CA PHE A 170 -18.67 -9.76 -1.18
C PHE A 170 -18.11 -9.45 -2.55
N TYR A 171 -17.17 -8.54 -2.58
CA TYR A 171 -16.33 -8.41 -3.75
C TYR A 171 -15.19 -9.41 -3.56
N ASN A 172 -15.05 -10.33 -4.51
CA ASN A 172 -14.16 -11.49 -4.35
C ASN A 172 -13.06 -11.42 -5.40
N ASP A 173 -11.81 -11.46 -4.95
CA ASP A 173 -10.69 -11.42 -5.87
C ASP A 173 -9.54 -12.26 -5.36
N TYR A 174 -8.60 -12.50 -6.25
CA TYR A 174 -7.38 -13.24 -5.95
C TYR A 174 -6.15 -12.34 -6.12
N ASN A 175 -4.98 -12.88 -5.72
CA ASN A 175 -3.77 -12.11 -5.45
C ASN A 175 -4.14 -10.88 -4.68
N GLU A 176 -5.01 -11.05 -3.70
CA GLU A 176 -5.49 -9.93 -2.92
C GLU A 176 -4.45 -9.43 -1.94
N CYS A 177 -3.26 -10.04 -1.92
CA CYS A 177 -2.21 -9.66 -1.00
C CYS A 177 -1.03 -9.01 -1.69
N ASP A 178 -0.91 -9.14 -3.01
CA ASP A 178 0.18 -8.45 -3.65
C ASP A 178 -0.10 -6.94 -3.63
N PRO A 179 0.96 -6.14 -3.56
CA PRO A 179 0.79 -4.71 -3.22
C PRO A 179 -0.13 -3.98 -4.15
N VAL A 180 0.06 -4.11 -5.46
CA VAL A 180 -0.66 -3.27 -6.40
C VAL A 180 -2.11 -3.70 -6.47
N LYS A 181 -2.34 -4.95 -6.85
CA LYS A 181 -3.71 -5.41 -7.05
C LYS A 181 -4.55 -5.14 -5.81
N SER A 182 -4.01 -5.48 -4.63
CA SER A 182 -4.74 -5.25 -3.40
C SER A 182 -5.15 -3.79 -3.26
N GLN A 183 -4.20 -2.86 -3.42
CA GLN A 183 -4.56 -1.44 -3.38
C GLN A 183 -5.72 -1.15 -4.33
N ARG A 184 -5.64 -1.69 -5.54
CA ARG A 184 -6.74 -1.53 -6.49
C ARG A 184 -8.02 -2.13 -5.95
N ILE A 185 -7.96 -3.33 -5.37
CA ILE A 185 -9.18 -3.89 -4.80
C ILE A 185 -9.73 -2.95 -3.73
N TYR A 186 -8.88 -2.60 -2.77
CA TYR A 186 -9.24 -1.64 -1.75
C TYR A 186 -9.83 -0.38 -2.38
N GLU A 187 -9.05 0.30 -3.23
CA GLU A 187 -9.50 1.57 -3.77
C GLU A 187 -10.80 1.39 -4.54
N MET A 188 -10.90 0.36 -5.38
CA MET A 188 -12.16 0.10 -6.07
C MET A 188 -13.27 -0.15 -5.08
N VAL A 189 -13.02 -0.97 -4.06
CA VAL A 189 -14.09 -1.23 -3.11
C VAL A 189 -14.31 0.00 -2.24
N LYS A 190 -13.27 0.78 -1.98
CA LYS A 190 -13.48 1.98 -1.19
C LYS A 190 -14.44 2.92 -1.92
N ARG A 191 -14.09 3.32 -3.13
CA ARG A 191 -14.91 4.31 -3.82
C ARG A 191 -16.30 3.78 -4.12
N MET A 192 -16.45 2.47 -4.34
CA MET A 192 -17.78 1.95 -4.59
C MET A 192 -18.62 1.97 -3.31
N LYS A 193 -18.05 1.50 -2.20
CA LYS A 193 -18.70 1.73 -0.93
C LYS A 193 -18.89 3.23 -0.70
N GLU A 194 -17.85 4.03 -0.96
CA GLU A 194 -17.98 5.48 -0.79
C GLU A 194 -19.16 6.01 -1.60
N ASN A 195 -19.32 5.52 -2.83
CA ASN A 195 -20.50 5.80 -3.66
C ASN A 195 -21.73 5.00 -3.26
N GLY A 196 -21.69 4.27 -2.15
CA GLY A 196 -22.88 3.62 -1.65
C GLY A 196 -23.21 2.26 -2.22
N VAL A 197 -22.30 1.65 -2.99
CA VAL A 197 -22.54 0.29 -3.47
C VAL A 197 -22.58 -0.67 -2.29
N PRO A 198 -23.56 -1.57 -2.20
CA PRO A 198 -23.68 -2.43 -1.01
C PRO A 198 -22.63 -3.54 -0.95
N ILE A 199 -21.36 -3.17 -1.06
CA ILE A 199 -20.28 -4.14 -0.93
C ILE A 199 -20.07 -4.42 0.55
N ASP A 200 -20.83 -5.38 1.08
CA ASP A 200 -20.72 -5.70 2.50
C ASP A 200 -19.36 -6.23 2.86
N GLY A 201 -18.74 -6.98 1.96
CA GLY A 201 -17.53 -7.69 2.33
C GLY A 201 -16.54 -7.78 1.19
N ILE A 202 -15.33 -8.16 1.55
CA ILE A 202 -14.26 -8.45 0.61
C ILE A 202 -13.88 -9.92 0.78
N GLY A 203 -13.86 -10.66 -0.31
CA GLY A 203 -13.46 -12.04 -0.29
C GLY A 203 -12.04 -12.18 -0.81
N MET A 204 -11.14 -12.52 0.08
CA MET A 204 -9.78 -12.86 -0.32
C MET A 204 -9.80 -14.31 -0.75
N GLN A 205 -9.53 -14.56 -2.03
CA GLN A 205 -9.66 -15.93 -2.52
C GLN A 205 -8.70 -16.84 -1.78
N GLY A 206 -7.50 -16.38 -1.50
CA GLY A 206 -6.61 -17.22 -0.72
C GLY A 206 -5.93 -18.30 -1.55
N HIS A 207 -5.81 -18.10 -2.85
CA HIS A 207 -5.02 -18.97 -3.70
C HIS A 207 -3.55 -18.60 -3.47
N TYR A 208 -3.05 -19.06 -2.34
CA TYR A 208 -1.68 -18.84 -1.90
C TYR A 208 -0.81 -19.99 -2.41
N ASN A 209 0.50 -19.93 -2.11
CA ASN A 209 1.42 -21.04 -2.37
C ASN A 209 2.42 -21.15 -1.20
N ILE A 210 3.29 -22.17 -1.24
CA ILE A 210 4.19 -22.45 -0.12
C ILE A 210 5.15 -21.31 0.09
N TYR A 211 5.52 -20.61 -0.98
CA TYR A 211 6.22 -19.34 -0.84
C TYR A 211 5.25 -18.21 -0.51
N GLY A 212 3.96 -18.42 -0.79
CA GLY A 212 2.81 -17.56 -0.52
C GLY A 212 3.01 -16.07 -0.35
N PRO A 213 1.95 -15.38 0.03
CA PRO A 213 2.16 -14.10 0.71
C PRO A 213 2.74 -14.42 2.08
N THR A 214 3.61 -13.53 2.55
CA THR A 214 4.11 -13.60 3.91
C THR A 214 2.99 -13.26 4.86
N GLU A 215 3.17 -13.60 6.13
CA GLU A 215 2.16 -13.23 7.13
C GLU A 215 1.88 -11.73 7.09
N ALA A 216 2.94 -10.92 7.04
CA ALA A 216 2.73 -9.47 6.96
C ALA A 216 2.05 -9.06 5.66
N GLU A 217 2.29 -9.80 4.58
CA GLU A 217 1.59 -9.47 3.34
C GLU A 217 0.10 -9.74 3.47
N ILE A 218 -0.28 -10.86 4.09
CA ILE A 218 -1.69 -11.09 4.37
C ILE A 218 -2.16 -10.15 5.47
N ASP A 219 -1.33 -10.00 6.50
CA ASP A 219 -1.63 -9.02 7.54
C ASP A 219 -1.90 -7.64 6.93
N ALA A 220 -1.02 -7.21 6.01
CA ALA A 220 -1.18 -5.89 5.39
C ALA A 220 -2.36 -5.83 4.42
N ALA A 221 -2.76 -6.97 3.83
CA ALA A 221 -3.97 -6.99 3.02
C ALA A 221 -5.22 -6.92 3.90
N ILE A 222 -5.30 -7.79 4.91
CA ILE A 222 -6.50 -7.82 5.73
C ILE A 222 -6.67 -6.51 6.49
N THR A 223 -5.59 -6.01 7.11
CA THR A 223 -5.63 -4.74 7.83
C THR A 223 -6.07 -3.58 6.94
N LYS A 224 -5.79 -3.66 5.64
CA LYS A 224 -6.24 -2.64 4.69
C LYS A 224 -7.71 -2.81 4.33
N TYR A 225 -8.10 -4.01 3.89
CA TYR A 225 -9.52 -4.35 3.68
C TYR A 225 -10.35 -4.09 4.94
N LYS A 226 -9.82 -4.45 6.12
CA LYS A 226 -10.43 -4.11 7.40
C LYS A 226 -11.01 -2.70 7.40
N SER A 227 -10.24 -1.73 6.89
CA SER A 227 -10.54 -0.32 7.06
C SER A 227 -11.66 0.19 6.16
N ILE A 228 -12.18 -0.62 5.25
CA ILE A 228 -13.34 -0.24 4.44
C ILE A 228 -14.50 -1.21 4.54
N VAL A 229 -14.29 -2.45 4.95
CA VAL A 229 -15.39 -3.40 5.04
C VAL A 229 -15.35 -4.03 6.42
N LYS A 230 -16.53 -4.31 6.93
CA LYS A 230 -16.71 -5.02 8.18
C LYS A 230 -16.67 -6.53 7.99
N HIS A 231 -16.40 -7.01 6.78
CA HIS A 231 -16.39 -8.45 6.53
C HIS A 231 -15.34 -8.79 5.50
N ILE A 232 -14.47 -9.71 5.87
CA ILE A 232 -13.55 -10.35 4.95
C ILE A 232 -13.81 -11.84 5.07
N HIS A 233 -14.15 -12.47 3.97
CA HIS A 233 -14.06 -13.92 3.96
C HIS A 233 -12.77 -14.31 3.28
N VAL A 234 -12.33 -15.51 3.56
CA VAL A 234 -11.31 -16.15 2.75
C VAL A 234 -12.09 -17.22 2.00
N THR A 235 -12.32 -16.97 0.70
CA THR A 235 -13.35 -17.68 -0.05
C THR A 235 -12.86 -18.95 -0.70
N GLU A 236 -11.56 -19.05 -1.01
CA GLU A 236 -11.04 -20.03 -1.96
C GLU A 236 -9.65 -20.48 -1.55
N LEU A 237 -9.48 -20.74 -0.24
CA LEU A 237 -8.17 -21.06 0.29
C LEU A 237 -7.59 -22.28 -0.40
N ASP A 238 -6.32 -22.15 -0.79
CA ASP A 238 -5.58 -22.98 -1.71
C ASP A 238 -4.15 -22.61 -1.40
N ILE A 239 -3.28 -23.59 -1.24
CA ILE A 239 -1.85 -23.30 -1.08
C ILE A 239 -1.12 -24.24 -2.02
N ARG A 240 -0.95 -23.81 -3.27
CA ARG A 240 -0.27 -24.68 -4.21
C ARG A 240 1.18 -24.78 -3.81
N VAL A 241 1.72 -25.92 -4.02
CA VAL A 241 3.13 -26.14 -3.79
C VAL A 241 3.84 -25.79 -5.09
N ASN A 242 5.09 -25.34 -4.98
CA ASN A 242 5.92 -24.86 -6.08
C ASN A 242 5.18 -23.90 -7.02
N ALA A 243 5.60 -22.63 -7.02
CA ALA A 243 5.05 -21.63 -7.92
C ALA A 243 5.37 -21.97 -9.39
N VAL A 258 5.03 -37.77 -1.54
CA VAL A 258 5.55 -36.40 -1.42
C VAL A 258 6.59 -36.27 -0.30
N SER A 259 7.51 -35.34 -0.50
CA SER A 259 8.73 -35.25 0.30
C SER A 259 8.42 -34.82 1.73
N ASP A 260 9.50 -34.63 2.49
CA ASP A 260 9.41 -34.00 3.79
C ASP A 260 9.42 -32.48 3.66
N SER A 261 10.27 -31.97 2.76
CA SER A 261 10.26 -30.55 2.42
C SER A 261 8.85 -30.08 2.07
N VAL A 262 8.08 -30.92 1.37
CA VAL A 262 6.82 -30.46 0.82
C VAL A 262 5.73 -30.42 1.88
N LYS A 263 5.64 -31.46 2.72
CA LYS A 263 4.58 -31.46 3.71
C LYS A 263 4.79 -30.39 4.76
N GLN A 264 6.03 -29.96 4.97
CA GLN A 264 6.26 -28.94 5.98
C GLN A 264 5.96 -27.56 5.42
N HIS A 265 6.48 -27.27 4.23
CA HIS A 265 6.17 -26.03 3.53
C HIS A 265 4.66 -25.84 3.42
N LEU A 266 3.94 -26.88 2.97
CA LEU A 266 2.49 -26.76 2.94
C LEU A 266 1.95 -26.51 4.34
N ALA A 267 2.35 -27.35 5.30
CA ALA A 267 1.86 -27.18 6.66
C ALA A 267 2.23 -25.82 7.21
N ASP A 268 3.43 -25.33 6.85
CA ASP A 268 3.97 -24.12 7.45
C ASP A 268 3.22 -22.88 6.98
N GLN A 269 2.98 -22.81 5.67
CA GLN A 269 2.30 -21.64 5.10
C GLN A 269 0.83 -21.61 5.51
N TYR A 270 0.20 -22.79 5.59
CA TYR A 270 -1.14 -22.88 6.18
C TYR A 270 -1.13 -22.31 7.58
N ALA A 271 -0.21 -22.79 8.42
CA ALA A 271 -0.10 -22.25 9.76
C ALA A 271 0.11 -20.75 9.69
N ARG A 272 0.96 -20.31 8.77
CA ARG A 272 1.22 -18.88 8.64
C ARG A 272 -0.06 -18.16 8.27
N VAL A 273 -0.77 -18.70 7.29
CA VAL A 273 -2.02 -18.07 6.88
C VAL A 273 -3.01 -18.09 8.02
N PHE A 274 -3.26 -19.26 8.60
CA PHE A 274 -4.19 -19.32 9.72
C PHE A 274 -3.70 -18.55 10.92
N ASN A 275 -2.38 -18.37 11.04
CA ASN A 275 -1.90 -17.42 12.03
C ASN A 275 -2.52 -16.04 11.78
N VAL A 276 -2.40 -15.53 10.56
CA VAL A 276 -2.88 -14.17 10.34
C VAL A 276 -4.40 -14.11 10.31
N LEU A 277 -5.05 -15.19 9.87
CA LEU A 277 -6.50 -15.20 9.86
C LEU A 277 -7.07 -15.19 11.27
N ARG A 278 -6.54 -16.05 12.14
CA ARG A 278 -7.06 -16.01 13.50
C ARG A 278 -6.61 -14.76 14.23
N LYS A 279 -5.69 -13.98 13.65
CA LYS A 279 -5.42 -12.66 14.22
C LYS A 279 -6.54 -11.69 13.90
N HIS A 280 -7.11 -11.78 12.69
CA HIS A 280 -8.19 -10.91 12.24
C HIS A 280 -9.54 -11.61 12.29
N ARG A 281 -9.75 -12.39 13.36
CA ARG A 281 -10.98 -13.18 13.47
C ARG A 281 -12.23 -12.31 13.47
N ASP A 282 -12.09 -11.04 13.84
CA ASP A 282 -13.24 -10.16 13.94
C ASP A 282 -13.81 -9.91 12.56
N VAL A 283 -13.00 -9.29 11.69
CA VAL A 283 -13.42 -9.02 10.33
C VAL A 283 -13.59 -10.32 9.52
N ILE A 284 -12.80 -11.35 9.81
CA ILE A 284 -12.90 -12.58 9.03
C ILE A 284 -14.03 -13.43 9.59
N ASP A 285 -15.12 -13.55 8.83
CA ASP A 285 -16.26 -14.37 9.26
C ASP A 285 -16.20 -15.82 8.80
N CYS A 286 -15.40 -16.11 7.79
CA CYS A 286 -15.41 -17.42 7.15
C CYS A 286 -14.08 -17.61 6.47
N VAL A 287 -13.50 -18.78 6.66
CA VAL A 287 -12.30 -19.21 5.93
C VAL A 287 -12.67 -20.48 5.18
N THR A 288 -12.79 -20.38 3.86
CA THR A 288 -13.19 -21.49 3.01
C THR A 288 -11.97 -21.98 2.25
N PHE A 289 -11.69 -23.28 2.36
CA PHE A 289 -10.69 -23.92 1.53
C PHE A 289 -11.26 -24.16 0.15
N TRP A 290 -10.43 -24.02 -0.88
CA TRP A 290 -11.00 -24.07 -2.21
C TRP A 290 -11.41 -25.46 -2.66
N ASN A 291 -10.97 -26.54 -2.03
CA ASN A 291 -11.53 -27.81 -2.47
C ASN A 291 -11.47 -28.80 -1.32
N LEU A 292 -12.29 -29.84 -1.40
CA LEU A 292 -12.34 -30.79 -0.31
C LEU A 292 -10.97 -31.44 -0.12
N SER A 293 -10.26 -31.71 -1.20
CA SER A 293 -8.96 -32.32 -1.06
C SER A 293 -8.18 -32.13 -2.35
N ASP A 294 -6.91 -32.55 -2.32
CA ASP A 294 -6.06 -32.49 -3.52
C ASP A 294 -6.65 -33.28 -4.68
N ARG A 295 -7.44 -34.31 -4.39
CA ARG A 295 -8.09 -35.04 -5.47
C ARG A 295 -9.05 -34.13 -6.20
N ASP A 296 -9.75 -33.26 -5.46
CA ASP A 296 -10.69 -32.30 -6.03
C ASP A 296 -10.04 -30.98 -6.42
N SER A 297 -8.79 -30.74 -6.03
CA SER A 297 -8.26 -29.39 -6.15
C SER A 297 -8.14 -28.93 -7.60
N TRP A 298 -8.54 -27.68 -7.85
CA TRP A 298 -8.29 -27.08 -9.15
C TRP A 298 -6.80 -27.03 -9.48
N LEU A 299 -5.92 -27.10 -8.48
CA LEU A 299 -4.48 -27.00 -8.74
C LEU A 299 -3.88 -28.30 -9.25
N GLY A 300 -4.62 -29.39 -9.17
CA GLY A 300 -4.02 -30.68 -9.46
C GLY A 300 -3.33 -31.21 -8.23
N GLN A 301 -3.36 -32.53 -8.05
CA GLN A 301 -2.77 -33.14 -6.86
C GLN A 301 -1.27 -32.90 -6.80
N ASN A 302 -0.61 -32.78 -7.96
CA ASN A 302 0.83 -32.57 -7.90
C ASN A 302 1.18 -31.23 -7.27
N ASN A 303 0.18 -30.39 -7.04
CA ASN A 303 0.34 -29.11 -6.37
C ASN A 303 0.09 -29.19 -4.87
N TYR A 304 -0.33 -30.36 -4.38
CA TYR A 304 -0.48 -30.74 -2.97
C TYR A 304 -1.12 -29.67 -2.09
N PRO A 305 -2.24 -29.07 -2.50
CA PRO A 305 -2.58 -27.74 -1.99
C PRO A 305 -3.46 -27.66 -0.76
N LEU A 306 -4.23 -28.67 -0.45
CA LEU A 306 -5.23 -28.52 0.58
C LEU A 306 -4.92 -29.39 1.78
N PRO A 307 -5.57 -29.13 2.91
CA PRO A 307 -5.24 -29.89 4.13
C PRO A 307 -5.64 -31.35 4.08
N PHE A 308 -6.21 -31.86 3.00
CA PHE A 308 -6.51 -33.28 2.85
C PHE A 308 -5.81 -33.76 1.59
N ASP A 309 -5.01 -34.83 1.72
CA ASP A 309 -4.40 -35.36 0.51
C ASP A 309 -5.46 -36.01 -0.36
N ALA A 310 -5.02 -36.57 -1.50
CA ALA A 310 -5.95 -37.11 -2.50
C ALA A 310 -6.83 -38.23 -1.94
N ASN A 311 -6.46 -38.84 -0.81
CA ASN A 311 -7.30 -39.85 -0.15
C ASN A 311 -8.12 -39.25 0.98
N TYR A 312 -8.10 -37.92 1.15
CA TYR A 312 -8.88 -37.23 2.18
C TYR A 312 -8.44 -37.62 3.59
N LYS A 313 -7.27 -38.25 3.71
CA LYS A 313 -6.56 -38.29 4.99
C LYS A 313 -6.17 -36.86 5.33
N PRO A 314 -6.47 -36.36 6.53
CA PRO A 314 -5.92 -35.06 6.89
C PRO A 314 -4.40 -35.09 6.82
N LYS A 315 -3.82 -33.91 6.61
CA LYS A 315 -2.39 -33.75 6.42
C LYS A 315 -1.77 -33.10 7.65
N MET A 316 -0.44 -33.13 7.72
CA MET A 316 0.23 -32.35 8.75
C MET A 316 -0.18 -30.89 8.65
N ALA A 317 -0.55 -30.45 7.45
CA ALA A 317 -1.16 -29.14 7.31
C ALA A 317 -2.47 -29.08 8.10
N TYR A 318 -3.27 -30.14 8.04
CA TYR A 318 -4.53 -30.15 8.78
C TYR A 318 -4.28 -30.01 10.27
N ASP A 319 -3.38 -30.86 10.83
CA ASP A 319 -3.02 -30.73 12.24
C ASP A 319 -2.54 -29.32 12.55
N TYR A 320 -1.67 -28.77 11.70
CA TYR A 320 -1.10 -27.47 11.98
C TYR A 320 -2.16 -26.39 12.08
N ILE A 321 -3.26 -26.54 11.33
CA ILE A 321 -4.34 -25.58 11.37
C ILE A 321 -5.26 -25.85 12.53
N LYS A 322 -5.67 -27.12 12.66
CA LYS A 322 -6.50 -27.56 13.78
C LYS A 322 -5.86 -27.17 15.10
N GLN A 323 -4.66 -27.67 15.33
CA GLN A 323 -3.95 -27.40 16.56
C GLN A 323 -3.23 -26.05 16.54
N MET A 324 -3.71 -25.12 15.71
CA MET A 324 -3.22 -23.75 15.66
C MET A 324 -1.70 -23.66 15.84
N LYS A 325 -0.96 -24.56 15.20
CA LYS A 325 0.48 -24.59 15.38
C LYS A 325 1.13 -23.41 14.66
N ALA A 326 2.27 -23.16 15.02
CA ALA A 326 3.15 -22.23 14.36
C ALA A 326 4.01 -22.96 13.35
N PRO A 327 4.50 -22.29 12.30
CA PRO A 327 5.26 -23.01 11.29
C PRO A 327 6.59 -23.50 11.83
N ALA A 328 7.03 -24.63 11.29
CA ALA A 328 8.35 -25.13 11.61
C ALA A 328 9.40 -24.20 11.01
N TRP A 329 9.63 -24.36 9.72
CA TRP A 329 10.61 -23.58 8.99
C TRP A 329 10.06 -22.19 8.72
N PRO A 330 10.90 -21.26 8.28
CA PRO A 330 10.39 -19.98 7.81
C PRO A 330 9.91 -20.14 6.37
N ILE A 331 9.35 -19.07 5.83
CA ILE A 331 8.76 -19.20 4.50
C ILE A 331 9.88 -19.52 3.51
N PRO A 332 9.72 -20.53 2.67
CA PRO A 332 10.80 -20.85 1.73
C PRO A 332 11.10 -19.68 0.80
N GLU A 333 12.34 -19.65 0.32
CA GLU A 333 12.70 -18.72 -0.74
C GLU A 333 12.22 -19.26 -2.08
N LYS A 334 11.90 -18.33 -2.99
CA LYS A 334 11.36 -18.53 -4.31
C LYS A 334 12.45 -18.51 -5.37
N PRO A 335 12.18 -19.09 -6.55
CA PRO A 335 13.00 -18.98 -7.76
C PRO A 335 13.23 -17.55 -8.25
N GLN B 1 13.38 4.82 21.74
CA GLN B 1 13.73 3.62 20.99
C GLN B 1 14.13 3.89 19.52
N GLY B 2 13.15 4.21 18.70
CA GLY B 2 13.43 4.63 17.34
C GLY B 2 14.05 6.03 17.30
N LEU B 3 14.45 6.44 16.10
CA LEU B 3 14.89 7.82 15.89
C LEU B 3 13.73 8.78 16.11
N LYS B 4 12.58 8.47 15.50
CA LYS B 4 11.33 9.19 15.78
C LYS B 4 11.17 9.42 17.28
N ASP B 5 11.22 8.35 18.05
CA ASP B 5 11.09 8.38 19.50
C ASP B 5 12.16 9.31 20.07
N ILE B 6 13.42 8.93 19.95
CA ILE B 6 14.56 9.67 20.49
C ILE B 6 14.41 11.15 20.17
N TYR B 7 13.95 11.46 18.96
CA TYR B 7 13.85 12.83 18.51
C TYR B 7 12.44 13.37 18.57
N LYS B 8 11.50 12.64 19.18
CA LYS B 8 10.11 13.10 19.28
C LYS B 8 10.01 14.51 19.83
N ASP B 9 11.06 15.00 20.48
CA ASP B 9 11.07 16.35 21.03
C ASP B 9 11.81 17.36 20.15
N TYR B 10 12.66 16.91 19.23
CA TYR B 10 13.39 17.82 18.36
C TYR B 10 12.63 18.09 17.06
N PHE B 11 12.21 17.03 16.37
CA PHE B 11 11.55 17.15 15.07
C PHE B 11 11.08 15.77 14.64
N LEU B 12 10.21 15.76 13.63
CA LEU B 12 9.88 14.51 12.99
C LEU B 12 11.13 13.92 12.39
N ILE B 13 11.28 12.60 12.49
CA ILE B 13 12.33 11.88 11.79
C ILE B 13 11.66 11.13 10.64
N GLY B 14 11.77 11.69 9.43
CA GLY B 14 11.02 11.22 8.29
C GLY B 14 11.87 10.40 7.33
N VAL B 15 11.20 9.66 6.46
CA VAL B 15 11.86 8.82 5.47
C VAL B 15 11.08 8.88 4.17
N ALA B 16 11.79 8.96 3.06
CA ALA B 16 11.14 8.87 1.76
C ALA B 16 11.12 7.41 1.33
N VAL B 17 9.95 6.95 0.89
CA VAL B 17 9.69 5.53 0.69
C VAL B 17 9.14 5.31 -0.71
N ASN B 18 9.75 4.35 -1.42
CA ASN B 18 9.15 3.70 -2.57
C ASN B 18 8.16 2.64 -2.10
N GLN B 19 7.42 2.06 -3.05
CA GLN B 19 6.40 1.08 -2.66
C GLN B 19 7.03 -0.17 -2.03
N ARG B 20 8.20 -0.60 -2.53
CA ARG B 20 8.87 -1.78 -2.00
C ARG B 20 9.28 -1.64 -0.54
N ASN B 21 9.35 -0.42 -0.01
CA ASN B 21 9.56 -0.29 1.43
C ASN B 21 8.27 -0.52 2.21
N VAL B 22 7.13 -0.07 1.67
CA VAL B 22 5.86 -0.28 2.36
C VAL B 22 5.25 -1.64 2.03
N SER B 23 5.60 -2.22 0.88
CA SER B 23 5.12 -3.54 0.51
C SER B 23 5.86 -4.65 1.28
N ASN B 24 7.16 -4.51 1.41
CA ASN B 24 8.00 -5.54 2.02
C ASN B 24 7.74 -5.64 3.53
N ALA B 25 7.87 -6.87 4.04
CA ALA B 25 7.46 -7.15 5.41
C ALA B 25 8.32 -6.40 6.42
N GLU B 26 9.64 -6.62 6.35
CA GLU B 26 10.57 -6.21 7.40
C GLU B 26 10.96 -4.73 7.34
N GLN B 27 10.74 -4.08 6.19
CA GLN B 27 11.06 -2.68 6.00
C GLN B 27 9.88 -1.76 6.30
N ALA B 28 8.65 -2.21 6.01
CA ALA B 28 7.49 -1.57 6.60
C ALA B 28 7.60 -1.57 8.12
N ALA B 29 8.09 -2.68 8.69
CA ALA B 29 8.29 -2.75 10.13
C ALA B 29 9.48 -1.90 10.57
N LEU B 30 10.52 -1.79 9.72
CA LEU B 30 11.62 -0.86 10.01
C LEU B 30 11.14 0.59 9.91
N VAL B 31 10.27 0.88 8.94
CA VAL B 31 9.76 2.23 8.76
C VAL B 31 8.95 2.65 9.98
N LYS B 32 7.95 1.85 10.35
CA LYS B 32 7.17 2.18 11.54
C LYS B 32 8.04 2.15 12.80
N GLN B 33 9.12 1.36 12.77
CA GLN B 33 10.06 1.27 13.89
C GLN B 33 10.81 2.58 14.15
N GLU B 34 10.81 3.52 13.20
CA GLU B 34 11.85 4.55 13.15
C GLU B 34 11.37 5.95 12.77
N PHE B 35 10.29 6.09 11.99
CA PHE B 35 9.92 7.37 11.39
C PHE B 35 8.48 7.70 11.68
N ASN B 36 8.24 8.95 12.09
CA ASN B 36 6.91 9.48 12.30
C ASN B 36 6.40 10.28 11.11
N SER B 37 7.29 10.69 10.23
CA SER B 37 6.91 11.27 8.95
C SER B 37 7.33 10.32 7.84
N ILE B 38 6.51 10.28 6.81
CA ILE B 38 6.87 9.57 5.59
C ILE B 38 6.68 10.54 4.45
N THR B 39 7.68 10.62 3.58
CA THR B 39 7.53 11.36 2.34
C THR B 39 7.41 10.34 1.21
N CYS B 40 6.32 10.45 0.46
CA CYS B 40 6.14 9.63 -0.72
C CYS B 40 7.18 10.07 -1.75
N GLU B 41 8.13 9.18 -2.03
CA GLU B 41 9.34 9.52 -2.76
C GLU B 41 9.09 10.13 -4.12
N ASN B 42 7.83 10.20 -4.57
CA ASN B 42 7.47 10.75 -5.89
C ASN B 42 8.18 9.96 -6.98
N GLY B 54 -7.20 15.78 -16.59
CA GLY B 54 -7.97 14.54 -16.60
C GLY B 54 -7.21 13.31 -16.12
N LYS B 55 -6.26 12.86 -16.94
CA LYS B 55 -5.46 11.67 -16.68
C LYS B 55 -4.59 11.80 -15.42
N PHE B 56 -5.13 11.40 -14.26
CA PHE B 56 -4.48 11.49 -12.96
C PHE B 56 -4.11 10.10 -12.47
N ASN B 57 -2.81 9.79 -12.41
CA ASN B 57 -2.33 8.50 -11.92
C ASN B 57 -2.22 8.56 -10.39
N TRP B 58 -3.23 8.05 -9.69
CA TRP B 58 -3.25 8.09 -8.23
C TRP B 58 -2.76 6.81 -7.57
N GLU B 59 -2.39 5.80 -8.36
CA GLU B 59 -2.25 4.45 -7.84
C GLU B 59 -1.18 4.35 -6.76
N ALA B 60 -0.02 4.95 -7.02
CA ALA B 60 1.18 4.76 -6.18
C ALA B 60 1.26 5.73 -5.01
N ALA B 61 0.75 6.96 -5.16
CA ALA B 61 0.67 7.86 -4.02
C ALA B 61 -0.28 7.32 -2.96
N ASP B 62 -1.39 6.73 -3.38
CA ASP B 62 -2.37 6.20 -2.44
C ASP B 62 -1.81 5.02 -1.64
N ARG B 63 -0.95 4.19 -2.23
CA ARG B 63 -0.32 3.10 -1.50
C ARG B 63 0.58 3.63 -0.37
N ILE B 64 1.27 4.74 -0.63
CA ILE B 64 2.06 5.41 0.40
C ILE B 64 1.14 6.23 1.31
N ALA B 65 0.12 6.88 0.76
CA ALA B 65 -0.82 7.65 1.58
C ALA B 65 -1.58 6.75 2.55
N ASN B 66 -2.16 5.66 2.03
CA ASN B 66 -2.87 4.75 2.90
C ASN B 66 -1.92 4.09 3.89
N PHE B 67 -0.69 3.76 3.47
CA PHE B 67 0.27 3.18 4.41
C PHE B 67 0.49 4.09 5.62
N CYS B 68 0.40 5.40 5.41
CA CYS B 68 0.42 6.34 6.51
C CYS B 68 -0.90 6.33 7.26
N ARG B 69 -2.01 6.39 6.54
CA ARG B 69 -3.33 6.23 7.14
C ARG B 69 -3.39 5.00 8.05
N THR B 70 -3.15 3.81 7.48
CA THR B 70 -3.28 2.56 8.24
C THR B 70 -2.20 2.39 9.29
N ASN B 71 -1.22 3.28 9.35
CA ASN B 71 -0.25 3.22 10.42
C ASN B 71 -0.12 4.54 11.17
N GLY B 72 -0.93 5.54 10.84
CA GLY B 72 -0.95 6.79 11.58
C GLY B 72 0.29 7.63 11.44
N ILE B 73 1.03 7.49 10.31
CA ILE B 73 2.25 8.25 10.02
C ILE B 73 1.85 9.51 9.25
N LYS B 74 2.57 10.60 9.48
CA LYS B 74 2.29 11.83 8.74
C LYS B 74 3.05 11.82 7.42
N LEU B 75 2.40 12.29 6.36
CA LEU B 75 2.93 12.23 5.01
C LEU B 75 3.38 13.61 4.55
N ARG B 76 4.57 13.66 3.96
CA ARG B 76 5.04 14.88 3.31
C ARG B 76 4.64 14.81 1.85
N GLY B 77 3.79 15.75 1.46
CA GLY B 77 3.33 15.88 0.09
C GLY B 77 4.42 16.35 -0.84
N HIS B 78 5.20 15.39 -1.31
CA HIS B 78 6.08 15.57 -2.44
C HIS B 78 5.49 14.94 -3.68
N CYS B 79 4.35 14.24 -3.52
CA CYS B 79 3.97 13.11 -4.36
C CYS B 79 3.95 13.43 -5.84
N LEU B 80 3.39 14.59 -6.22
CA LEU B 80 3.77 15.25 -7.48
C LEU B 80 3.48 16.74 -7.26
N MET B 81 4.52 17.46 -6.85
CA MET B 81 4.42 18.88 -6.60
C MET B 81 5.79 19.50 -6.83
N TRP B 89 4.58 17.52 -18.07
CA TRP B 89 3.58 16.67 -18.72
C TRP B 89 2.69 17.53 -19.62
N MET B 90 1.44 17.75 -19.19
CA MET B 90 0.46 18.38 -20.05
C MET B 90 0.70 19.89 -20.20
N TYR B 91 1.02 20.59 -19.11
CA TYR B 91 0.88 22.04 -19.12
C TYR B 91 2.15 22.78 -19.52
N SER B 92 3.02 22.18 -20.35
CA SER B 92 4.14 22.94 -20.91
C SER B 92 4.16 22.94 -22.44
N ASP B 93 3.11 22.40 -23.09
CA ASP B 93 2.96 22.46 -24.54
C ASP B 93 2.49 23.85 -25.00
N ASN B 94 3.34 24.83 -24.72
CA ASN B 94 3.14 26.24 -25.04
C ASN B 94 1.83 26.85 -24.57
N PRO B 95 1.32 26.50 -23.38
CA PRO B 95 0.15 27.23 -22.89
C PRO B 95 0.56 28.63 -22.46
N THR B 96 -0.30 29.59 -22.72
CA THR B 96 -0.08 30.94 -22.25
C THR B 96 0.06 30.98 -20.74
N LYS B 97 0.50 32.13 -20.23
CA LYS B 97 0.65 32.33 -18.79
C LYS B 97 -0.58 31.85 -18.04
N GLU B 98 -1.73 32.50 -18.30
CA GLU B 98 -2.94 32.23 -17.55
C GLU B 98 -3.33 30.75 -17.59
N VAL B 99 -3.30 30.14 -18.79
CA VAL B 99 -3.74 28.74 -18.87
C VAL B 99 -2.83 27.84 -18.07
N PHE B 100 -1.51 28.08 -18.13
CA PHE B 100 -0.58 27.28 -17.34
C PHE B 100 -0.96 27.31 -15.87
N PHE B 101 -1.32 28.49 -15.36
CA PHE B 101 -1.73 28.63 -13.96
C PHE B 101 -2.98 27.84 -13.66
N GLN B 102 -4.00 27.94 -14.53
CA GLN B 102 -5.24 27.20 -14.32
C GLN B 102 -4.98 25.71 -14.20
N ARG B 103 -4.12 25.18 -15.08
CA ARG B 103 -3.74 23.77 -14.98
C ARG B 103 -2.94 23.48 -13.70
N MET B 104 -2.19 24.47 -13.19
CA MET B 104 -1.57 24.34 -11.88
C MET B 104 -2.64 24.17 -10.81
N LYS B 105 -3.62 25.08 -10.79
CA LYS B 105 -4.66 25.00 -9.78
C LYS B 105 -5.33 23.63 -9.81
N ASN B 106 -5.76 23.20 -11.00
CA ASN B 106 -6.41 21.90 -11.13
C ASN B 106 -5.51 20.78 -10.62
N HIS B 107 -4.24 20.78 -11.04
CA HIS B 107 -3.34 19.73 -10.56
C HIS B 107 -3.11 19.84 -9.06
N ILE B 108 -2.89 21.06 -8.56
CA ILE B 108 -2.53 21.21 -7.16
C ILE B 108 -3.72 20.87 -6.26
N GLN B 109 -4.88 21.46 -6.54
CA GLN B 109 -6.07 21.18 -5.72
C GLN B 109 -6.58 19.76 -5.92
N ALA B 110 -6.30 19.15 -7.07
CA ALA B 110 -6.50 17.71 -7.20
C ALA B 110 -5.62 16.97 -6.22
N VAL B 111 -4.29 17.09 -6.38
CA VAL B 111 -3.38 16.29 -5.56
C VAL B 111 -3.56 16.60 -4.07
N VAL B 112 -3.80 17.87 -3.74
CA VAL B 112 -3.81 18.24 -2.34
C VAL B 112 -5.09 17.76 -1.68
N SER B 113 -6.22 17.91 -2.36
CA SER B 113 -7.49 17.46 -1.79
C SER B 113 -7.45 15.97 -1.52
N ARG B 114 -6.89 15.18 -2.45
CA ARG B 114 -6.85 13.74 -2.24
C ARG B 114 -6.05 13.36 -1.01
N TYR B 115 -5.24 14.29 -0.51
CA TYR B 115 -4.28 13.98 0.52
C TYR B 115 -4.24 14.97 1.67
N LYS B 116 -5.07 16.01 1.66
CA LYS B 116 -5.15 16.94 2.79
C LYS B 116 -5.28 16.20 4.13
N ASP B 117 -5.86 15.00 4.13
CA ASP B 117 -6.04 14.29 5.40
C ASP B 117 -4.71 13.79 5.98
N VAL B 118 -3.78 13.29 5.15
CA VAL B 118 -2.56 12.67 5.68
C VAL B 118 -1.30 13.52 5.54
N VAL B 119 -1.30 14.58 4.74
CA VAL B 119 -0.08 15.35 4.52
C VAL B 119 -0.12 16.63 5.34
N TYR B 120 0.82 16.73 6.29
CA TYR B 120 1.00 17.95 7.06
C TYR B 120 1.84 18.97 6.31
N ALA B 121 2.69 18.51 5.40
CA ALA B 121 3.60 19.36 4.66
C ALA B 121 3.53 19.02 3.18
N TRP B 122 3.49 20.07 2.35
CA TRP B 122 3.58 19.97 0.91
C TRP B 122 4.86 20.64 0.45
N ASP B 123 5.56 20.01 -0.49
CA ASP B 123 6.61 20.69 -1.24
C ASP B 123 5.95 21.30 -2.47
N VAL B 124 5.43 22.52 -2.31
CA VAL B 124 4.68 23.17 -3.38
C VAL B 124 5.58 23.43 -4.58
N VAL B 125 6.80 23.87 -4.34
CA VAL B 125 7.75 24.15 -5.41
C VAL B 125 9.06 23.46 -5.05
N ASN B 126 9.72 22.87 -6.05
CA ASN B 126 11.02 22.25 -5.83
C ASN B 126 12.06 22.85 -6.74
N GLU B 127 13.28 22.99 -6.20
CA GLU B 127 14.50 23.18 -6.98
C GLU B 127 14.31 24.24 -8.05
N ALA B 128 13.70 25.37 -7.65
CA ALA B 128 13.41 26.46 -8.56
C ALA B 128 14.58 27.40 -8.76
N MET B 129 15.50 27.46 -7.79
CA MET B 129 16.70 28.29 -7.92
C MET B 129 17.81 27.55 -8.67
N THR B 130 18.69 28.32 -9.28
CA THR B 130 19.69 27.72 -10.15
C THR B 130 20.95 27.40 -9.38
N ASP B 131 21.62 26.35 -9.86
CA ASP B 131 22.95 25.98 -9.39
C ASP B 131 24.03 26.93 -9.92
N ASP B 132 23.85 27.47 -11.11
CA ASP B 132 24.81 28.40 -11.69
C ASP B 132 25.04 29.60 -10.78
N PRO B 133 26.26 29.84 -10.31
CA PRO B 133 26.49 31.08 -9.56
C PRO B 133 26.75 32.23 -10.51
N LYS B 134 27.33 31.91 -11.68
CA LYS B 134 27.58 32.93 -12.71
C LYS B 134 26.34 33.05 -13.59
N ALA B 135 25.32 33.64 -12.99
CA ALA B 135 24.03 33.87 -13.63
C ALA B 135 23.33 34.95 -12.84
N GLU B 136 22.95 36.04 -13.50
CA GLU B 136 22.28 37.12 -12.78
C GLU B 136 20.80 36.83 -12.55
N ASP B 137 20.22 35.88 -13.28
CA ASP B 137 18.86 35.43 -13.02
C ASP B 137 18.91 34.22 -12.10
N PRO B 138 18.41 34.32 -10.87
CA PRO B 138 18.64 33.28 -9.87
C PRO B 138 17.74 32.06 -10.00
N PHE B 139 16.82 32.01 -10.95
CA PHE B 139 15.92 30.88 -11.00
C PHE B 139 16.42 29.85 -11.99
N ARG B 140 16.19 28.58 -11.66
CA ARG B 140 16.29 27.53 -12.66
C ARG B 140 15.39 27.89 -13.83
N GLN B 141 15.99 28.02 -15.03
CA GLN B 141 15.27 28.41 -16.24
C GLN B 141 14.43 27.26 -16.75
N SER B 142 13.80 26.52 -15.84
CA SER B 142 12.83 25.50 -16.18
C SER B 142 11.77 26.09 -17.11
N PRO B 143 11.04 25.25 -17.86
CA PRO B 143 9.96 25.79 -18.68
C PRO B 143 8.88 26.46 -17.85
N LEU B 144 8.70 26.01 -16.60
CA LEU B 144 7.77 26.69 -15.71
C LEU B 144 8.24 28.11 -15.46
N TYR B 145 9.56 28.29 -15.35
CA TYR B 145 10.06 29.64 -15.14
C TYR B 145 9.91 30.50 -16.38
N LYS B 146 10.18 29.93 -17.55
CA LYS B 146 10.13 30.68 -18.81
C LYS B 146 8.72 31.08 -19.20
N ILE B 147 7.70 30.37 -18.70
CA ILE B 147 6.32 30.76 -18.99
C ILE B 147 5.93 32.00 -18.18
N ALA B 148 6.11 31.92 -16.87
CA ALA B 148 5.55 32.88 -15.92
C ALA B 148 6.58 33.80 -15.26
N GLY B 149 7.75 33.26 -14.92
CA GLY B 149 8.70 33.97 -14.10
C GLY B 149 8.56 33.63 -12.61
N ASP B 150 8.80 34.63 -11.75
CA ASP B 150 8.65 34.44 -10.31
C ASP B 150 7.30 33.84 -9.95
N GLU B 151 6.23 34.24 -10.65
CA GLU B 151 4.92 34.08 -10.05
C GLU B 151 4.38 32.67 -10.16
N PHE B 152 4.96 31.81 -11.00
CA PHE B 152 4.55 30.42 -10.97
C PHE B 152 4.69 29.86 -9.56
N ILE B 153 5.79 30.22 -8.89
CA ILE B 153 5.99 29.89 -7.49
C ILE B 153 4.87 30.49 -6.65
N ALA B 154 4.68 31.80 -6.77
CA ALA B 154 3.63 32.50 -6.03
C ALA B 154 2.28 31.80 -6.19
N LYS B 155 1.78 31.70 -7.43
CA LYS B 155 0.47 31.10 -7.66
C LYS B 155 0.43 29.66 -7.17
N ALA B 156 1.53 28.93 -7.33
CA ALA B 156 1.58 27.54 -6.86
C ALA B 156 1.22 27.45 -5.38
N PHE B 157 1.68 28.41 -4.58
CA PHE B 157 1.47 28.33 -3.14
C PHE B 157 0.06 28.79 -2.75
N GLN B 158 -0.39 29.91 -3.31
CA GLN B 158 -1.76 30.34 -3.05
C GLN B 158 -2.75 29.27 -3.51
N TYR B 159 -2.43 28.60 -4.61
CA TYR B 159 -3.22 27.43 -4.98
C TYR B 159 -3.06 26.34 -3.94
N ALA B 160 -1.84 26.09 -3.50
CA ALA B 160 -1.62 25.09 -2.46
C ALA B 160 -2.16 25.56 -1.12
N ARG B 161 -2.14 26.87 -0.87
CA ARG B 161 -2.70 27.42 0.36
C ARG B 161 -4.20 27.20 0.43
N GLU B 162 -4.92 27.71 -0.58
CA GLU B 162 -6.37 27.56 -0.66
C GLU B 162 -6.78 26.09 -0.66
N ALA B 163 -6.07 25.27 -1.44
CA ALA B 163 -6.30 23.83 -1.43
C ALA B 163 -6.33 23.25 -0.02
N ASP B 164 -5.61 23.85 0.92
CA ASP B 164 -5.69 23.44 2.32
C ASP B 164 -5.07 24.51 3.21
N PRO B 165 -5.90 25.27 3.94
CA PRO B 165 -5.34 26.21 4.92
C PRO B 165 -4.53 25.52 5.99
N ASN B 166 -4.95 24.33 6.41
CA ASN B 166 -4.27 23.55 7.45
C ASN B 166 -2.89 23.06 7.03
N ALA B 167 -2.55 23.11 5.75
CA ALA B 167 -1.31 22.53 5.28
C ALA B 167 -0.14 23.50 5.45
N LEU B 168 1.02 22.94 5.82
CA LEU B 168 2.29 23.67 5.81
C LEU B 168 2.89 23.64 4.40
N LEU B 169 3.11 24.82 3.82
CA LEU B 169 3.61 24.93 2.46
C LEU B 169 5.09 25.27 2.47
N PHE B 170 5.86 24.51 1.69
CA PHE B 170 7.31 24.60 1.71
C PHE B 170 7.85 24.98 0.34
N TYR B 171 8.95 25.72 0.34
CA TYR B 171 9.83 25.77 -0.81
C TYR B 171 11.05 24.92 -0.51
N ASN B 172 11.28 23.92 -1.34
CA ASN B 172 12.21 22.84 -1.03
C ASN B 172 13.29 22.84 -2.09
N ASP B 173 14.53 22.57 -1.69
CA ASP B 173 15.62 22.81 -2.63
C ASP B 173 16.94 22.29 -2.11
N TYR B 174 17.84 22.00 -3.04
CA TYR B 174 19.14 21.44 -2.77
C TYR B 174 20.23 22.49 -2.95
N ASN B 175 21.45 22.13 -2.52
CA ASN B 175 22.56 23.07 -2.36
C ASN B 175 22.14 24.28 -1.54
N GLU B 176 21.17 24.05 -0.63
CA GLU B 176 20.58 25.10 0.19
C GLU B 176 21.55 25.64 1.23
N CYS B 177 22.74 25.05 1.35
CA CYS B 177 23.77 25.55 2.24
C CYS B 177 24.93 26.18 1.50
N ASP B 178 24.97 26.08 0.18
CA ASP B 178 26.13 26.63 -0.47
C ASP B 178 26.00 28.14 -0.45
N PRO B 179 27.11 28.87 -0.36
CA PRO B 179 27.04 30.32 -0.15
C PRO B 179 26.05 31.05 -1.06
N VAL B 180 25.97 30.75 -2.34
CA VAL B 180 25.20 31.61 -3.22
C VAL B 180 23.76 31.14 -3.36
N LYS B 181 23.53 29.86 -3.71
CA LYS B 181 22.16 29.37 -3.83
C LYS B 181 21.40 29.56 -2.54
N SER B 182 22.07 29.41 -1.40
CA SER B 182 21.35 29.62 -0.15
C SER B 182 20.89 31.07 -0.04
N GLN B 183 21.71 32.00 -0.52
CA GLN B 183 21.29 33.38 -0.55
C GLN B 183 20.11 33.56 -1.50
N ARG B 184 20.24 33.02 -2.71
CA ARG B 184 19.14 32.88 -3.67
C ARG B 184 17.85 32.45 -2.97
N ILE B 185 17.87 31.23 -2.41
CA ILE B 185 16.67 30.69 -1.76
C ILE B 185 16.15 31.66 -0.73
N TYR B 186 17.06 32.34 -0.04
CA TYR B 186 16.68 33.28 1.00
C TYR B 186 15.93 34.44 0.40
N GLU B 187 16.54 35.09 -0.59
CA GLU B 187 15.96 36.30 -1.14
C GLU B 187 14.64 36.02 -1.83
N MET B 188 14.58 34.93 -2.59
CA MET B 188 13.33 34.56 -3.25
C MET B 188 12.23 34.29 -2.22
N VAL B 189 12.49 33.40 -1.26
CA VAL B 189 11.48 33.11 -0.24
C VAL B 189 11.23 34.33 0.62
N LYS B 190 12.28 35.09 0.95
CA LYS B 190 12.05 36.34 1.67
C LYS B 190 11.16 37.27 0.87
N ARG B 191 11.55 37.56 -0.37
CA ARG B 191 10.76 38.49 -1.16
C ARG B 191 9.36 37.93 -1.41
N MET B 192 9.22 36.62 -1.63
CA MET B 192 7.88 36.08 -1.87
C MET B 192 7.01 36.20 -0.63
N LYS B 193 7.59 35.98 0.55
CA LYS B 193 6.80 36.13 1.76
C LYS B 193 6.53 37.61 2.05
N GLU B 194 7.52 38.49 1.88
CA GLU B 194 7.22 39.91 2.08
C GLU B 194 6.39 40.46 0.94
N ASN B 195 6.32 39.75 -0.18
CA ASN B 195 5.21 40.00 -1.09
C ASN B 195 3.96 39.58 -0.34
N GLY B 196 3.77 38.27 -0.14
CA GLY B 196 2.62 37.80 0.59
C GLY B 196 2.38 36.33 0.30
N VAL B 197 3.29 35.72 -0.43
CA VAL B 197 3.06 34.34 -0.85
C VAL B 197 3.21 33.42 0.36
N PRO B 198 2.27 32.55 0.61
CA PRO B 198 2.29 31.74 1.85
C PRO B 198 3.30 30.59 1.78
N ILE B 199 4.58 30.94 1.63
CA ILE B 199 5.64 29.97 1.81
C ILE B 199 5.84 29.81 3.32
N ASP B 200 5.28 28.76 3.92
CA ASP B 200 5.35 28.64 5.37
C ASP B 200 6.76 28.28 5.81
N GLY B 201 7.36 27.31 5.13
CA GLY B 201 8.62 26.76 5.56
C GLY B 201 9.55 26.55 4.38
N ILE B 202 10.81 26.27 4.70
CA ILE B 202 11.81 26.00 3.69
C ILE B 202 12.22 24.56 3.79
N GLY B 203 12.29 23.88 2.66
CA GLY B 203 12.76 22.53 2.62
C GLY B 203 14.22 22.49 2.26
N MET B 204 15.04 22.08 3.20
CA MET B 204 16.43 21.83 2.89
C MET B 204 16.53 20.37 2.50
N GLN B 205 16.94 20.11 1.26
CA GLN B 205 16.92 18.73 0.80
C GLN B 205 17.98 17.90 1.49
N GLY B 206 19.10 18.50 1.90
CA GLY B 206 20.10 17.73 2.62
C GLY B 206 20.76 16.65 1.81
N HIS B 207 21.00 16.89 0.51
CA HIS B 207 21.78 15.96 -0.30
C HIS B 207 23.26 16.25 -0.10
N TYR B 208 23.65 16.15 1.15
CA TYR B 208 25.00 16.44 1.55
C TYR B 208 25.91 15.31 1.12
N ASN B 209 27.18 15.41 1.51
CA ASN B 209 28.15 14.34 1.29
C ASN B 209 29.07 14.31 2.49
N ILE B 210 30.10 13.43 2.44
CA ILE B 210 30.92 13.26 3.62
C ILE B 210 31.87 14.42 3.83
N TYR B 211 32.14 15.21 2.79
CA TYR B 211 32.79 16.49 2.96
C TYR B 211 31.76 17.60 3.16
N GLY B 212 30.50 17.31 2.81
CA GLY B 212 29.28 18.02 3.13
C GLY B 212 29.36 19.53 3.12
N PRO B 213 28.32 20.15 3.63
CA PRO B 213 28.52 21.46 4.24
C PRO B 213 29.18 21.24 5.60
N THR B 214 30.03 22.18 5.98
CA THR B 214 30.51 22.19 7.35
C THR B 214 29.31 22.41 8.27
N GLU B 215 29.50 22.18 9.57
CA GLU B 215 28.40 22.45 10.49
C GLU B 215 28.02 23.92 10.44
N ALA B 216 29.01 24.80 10.32
CA ALA B 216 28.74 26.24 10.24
C ALA B 216 27.87 26.56 9.04
N GLU B 217 28.10 25.86 7.92
CA GLU B 217 27.36 26.15 6.70
C GLU B 217 25.92 25.75 6.85
N ILE B 218 25.68 24.52 7.32
CA ILE B 218 24.33 24.10 7.66
C ILE B 218 23.72 25.07 8.66
N ASP B 219 24.53 25.53 9.61
CA ASP B 219 24.06 26.47 10.63
C ASP B 219 23.81 27.85 10.03
N ALA B 220 24.63 28.27 9.05
CA ALA B 220 24.40 29.54 8.40
C ALA B 220 23.14 29.51 7.53
N ALA B 221 22.97 28.46 6.73
CA ALA B 221 21.75 28.34 5.94
C ALA B 221 20.53 28.30 6.85
N ILE B 222 20.59 27.51 7.91
CA ILE B 222 19.42 27.35 8.76
C ILE B 222 19.08 28.66 9.46
N THR B 223 20.05 29.24 10.19
CA THR B 223 19.78 30.51 10.86
C THR B 223 19.33 31.58 9.86
N LYS B 224 19.75 31.47 8.61
CA LYS B 224 19.28 32.39 7.56
C LYS B 224 17.81 32.13 7.22
N TYR B 225 17.49 30.89 6.81
CA TYR B 225 16.11 30.54 6.53
C TYR B 225 15.22 30.82 7.74
N LYS B 226 15.70 30.43 8.94
CA LYS B 226 15.09 30.81 10.22
C LYS B 226 14.55 32.24 10.20
N SER B 227 15.36 33.18 9.70
CA SER B 227 15.02 34.59 9.81
C SER B 227 13.87 35.00 8.89
N ILE B 228 13.46 34.11 7.98
CA ILE B 228 12.29 34.36 7.16
C ILE B 228 11.20 33.31 7.28
N VAL B 229 11.48 32.10 7.78
CA VAL B 229 10.39 31.13 7.89
C VAL B 229 10.39 30.53 9.28
N LYS B 230 9.21 30.16 9.73
CA LYS B 230 9.04 29.45 10.98
C LYS B 230 9.04 27.96 10.80
N HIS B 231 9.48 27.49 9.64
CA HIS B 231 9.48 26.07 9.40
C HIS B 231 10.64 25.75 8.49
N ILE B 232 11.42 24.77 8.88
CA ILE B 232 12.44 24.22 8.02
C ILE B 232 12.31 22.72 8.12
N HIS B 233 12.22 22.06 6.99
CA HIS B 233 12.32 20.62 7.00
C HIS B 233 13.61 20.24 6.32
N VAL B 234 14.30 19.25 6.84
CA VAL B 234 15.34 18.60 6.07
C VAL B 234 14.67 17.42 5.39
N THR B 235 14.45 17.57 4.07
CA THR B 235 13.46 16.79 3.33
C THR B 235 14.01 15.56 2.62
N GLU B 236 15.32 15.52 2.28
CA GLU B 236 15.88 14.39 1.53
C GLU B 236 17.30 14.07 1.99
N LEU B 237 17.47 13.88 3.29
CA LEU B 237 18.81 13.74 3.82
C LEU B 237 19.48 12.49 3.25
N ASP B 238 20.37 12.69 2.27
CA ASP B 238 21.39 11.74 1.85
C ASP B 238 22.73 12.29 2.29
N ILE B 239 23.71 11.42 2.52
CA ILE B 239 25.08 11.86 2.68
C ILE B 239 25.97 10.98 1.80
N ARG B 240 26.20 11.44 0.58
CA ARG B 240 26.99 10.75 -0.43
C ARG B 240 28.46 10.63 0.02
N VAL B 241 29.19 9.73 -0.64
CA VAL B 241 30.64 9.66 -0.49
C VAL B 241 31.38 9.96 -1.80
N ASN B 242 30.73 9.84 -2.96
CA ASN B 242 31.24 10.31 -4.26
C ASN B 242 32.74 10.18 -4.47
N VAL B 258 33.05 -2.07 2.40
CA VAL B 258 32.92 -0.71 2.88
C VAL B 258 34.04 -0.31 3.87
N SER B 259 34.77 0.74 3.52
CA SER B 259 35.96 1.10 4.29
C SER B 259 35.63 1.46 5.73
N ASP B 260 36.65 1.35 6.58
CA ASP B 260 36.57 1.94 7.90
C ASP B 260 36.52 3.46 7.80
N SER B 261 37.35 4.02 6.91
CA SER B 261 37.40 5.46 6.70
C SER B 261 36.07 5.97 6.15
N VAL B 262 35.31 5.13 5.43
CA VAL B 262 34.02 5.53 4.87
C VAL B 262 32.91 5.40 5.90
N LYS B 263 32.99 4.38 6.76
CA LYS B 263 31.88 4.11 7.67
C LYS B 263 31.72 5.22 8.69
N GLN B 264 32.81 5.86 9.09
CA GLN B 264 32.67 6.92 10.08
C GLN B 264 32.57 8.30 9.46
N HIS B 265 33.31 8.56 8.38
CA HIS B 265 33.04 9.74 7.59
C HIS B 265 31.55 9.87 7.34
N LEU B 266 30.90 8.76 7.00
CA LEU B 266 29.44 8.78 6.90
C LEU B 266 28.81 9.15 8.24
N ALA B 267 29.19 8.42 9.30
CA ALA B 267 28.69 8.70 10.63
C ALA B 267 29.02 10.11 11.07
N ASP B 268 30.29 10.51 10.92
CA ASP B 268 30.74 11.82 11.37
C ASP B 268 29.85 12.92 10.80
N GLN B 269 29.71 12.94 9.47
CA GLN B 269 28.93 13.97 8.81
C GLN B 269 27.47 13.91 9.24
N TYR B 270 26.96 12.69 9.43
CA TYR B 270 25.58 12.57 9.88
C TYR B 270 25.42 13.22 11.25
N ALA B 271 26.35 12.93 12.17
CA ALA B 271 26.33 13.55 13.48
C ALA B 271 26.50 15.05 13.37
N ARG B 272 27.44 15.50 12.54
CA ARG B 272 27.63 16.93 12.30
C ARG B 272 26.34 17.57 11.77
N VAL B 273 25.67 16.90 10.84
CA VAL B 273 24.39 17.40 10.35
C VAL B 273 23.40 17.50 11.51
N PHE B 274 23.13 16.36 12.15
CA PHE B 274 22.07 16.30 13.15
C PHE B 274 22.40 17.14 14.36
N ASN B 275 23.70 17.33 14.63
CA ASN B 275 24.10 18.29 15.64
C ASN B 275 23.51 19.67 15.35
N VAL B 276 23.71 20.19 14.14
CA VAL B 276 23.19 21.52 13.84
C VAL B 276 21.68 21.49 13.82
N LEU B 277 21.09 20.39 13.33
CA LEU B 277 19.63 20.34 13.27
C LEU B 277 19.02 20.38 14.66
N ARG B 278 19.56 19.60 15.58
CA ARG B 278 18.99 19.62 16.91
C ARG B 278 19.36 20.91 17.64
N LYS B 279 20.38 21.63 17.16
CA LYS B 279 20.59 22.98 17.65
C LYS B 279 19.43 23.88 17.27
N HIS B 280 18.91 23.70 16.05
CA HIS B 280 17.81 24.49 15.51
C HIS B 280 16.48 23.75 15.54
N ARG B 281 16.32 22.85 16.51
CA ARG B 281 15.07 22.13 16.75
C ARG B 281 13.86 23.04 16.74
N ASP B 282 14.03 24.32 17.09
CA ASP B 282 12.87 25.22 17.13
C ASP B 282 12.25 25.38 15.75
N VAL B 283 13.07 25.49 14.71
CA VAL B 283 12.58 25.82 13.38
C VAL B 283 12.54 24.56 12.53
N ILE B 284 13.44 23.62 12.82
CA ILE B 284 13.51 22.37 12.07
C ILE B 284 12.45 21.43 12.65
N ASP B 285 11.31 21.33 11.97
CA ASP B 285 10.22 20.47 12.45
C ASP B 285 10.31 19.06 11.91
N CYS B 286 11.14 18.80 10.92
CA CYS B 286 11.18 17.47 10.34
C CYS B 286 12.50 17.27 9.62
N VAL B 287 13.18 16.17 9.93
CA VAL B 287 14.39 15.76 9.24
C VAL B 287 14.12 14.42 8.55
N THR B 288 14.01 14.45 7.22
CA THR B 288 13.70 13.27 6.43
C THR B 288 14.94 12.73 5.73
N PHE B 289 15.16 11.42 5.85
CA PHE B 289 16.11 10.72 5.00
C PHE B 289 15.45 10.38 3.69
N TRP B 290 16.18 10.59 2.59
CA TRP B 290 15.53 10.48 1.29
C TRP B 290 15.25 9.04 0.88
N ASN B 291 15.76 8.03 1.61
CA ASN B 291 15.43 6.65 1.31
C ASN B 291 15.59 5.81 2.58
N LEU B 292 15.01 4.62 2.56
CA LEU B 292 15.12 3.82 3.78
C LEU B 292 16.52 3.21 3.96
N SER B 293 17.27 3.03 2.87
CA SER B 293 18.59 2.43 2.95
C SER B 293 19.31 2.66 1.63
N ASP B 294 20.60 2.28 1.60
CA ASP B 294 21.41 2.45 0.39
C ASP B 294 20.90 1.60 -0.77
N ARG B 295 20.29 0.46 -0.47
CA ARG B 295 19.63 -0.31 -1.51
C ARG B 295 18.63 0.57 -2.26
N ASP B 296 17.89 1.41 -1.52
CA ASP B 296 16.85 2.25 -2.09
C ASP B 296 17.36 3.62 -2.55
N SER B 297 18.56 4.03 -2.15
CA SER B 297 19.01 5.39 -2.41
C SER B 297 19.31 5.62 -3.89
N TRP B 298 18.89 6.77 -4.40
CA TRP B 298 19.24 7.14 -5.76
C TRP B 298 20.75 7.17 -5.95
N LEU B 299 21.50 7.48 -4.90
CA LEU B 299 22.95 7.53 -5.04
C LEU B 299 23.56 6.16 -5.31
N GLY B 300 22.80 5.08 -5.15
CA GLY B 300 23.33 3.74 -5.27
C GLY B 300 24.19 3.35 -4.08
N GLN B 301 24.35 2.04 -3.91
CA GLN B 301 25.00 1.48 -2.72
C GLN B 301 26.46 1.92 -2.59
N ASN B 302 27.13 2.20 -3.73
CA ASN B 302 28.53 2.57 -3.71
C ASN B 302 28.74 4.00 -3.26
N ASN B 303 27.66 4.74 -3.01
CA ASN B 303 27.71 6.04 -2.38
C ASN B 303 27.30 5.99 -0.91
N TYR B 304 26.82 4.84 -0.44
CA TYR B 304 26.72 4.54 0.99
C TYR B 304 26.10 5.68 1.80
N PRO B 305 24.94 6.19 1.41
CA PRO B 305 24.50 7.50 1.90
C PRO B 305 23.66 7.49 3.16
N LEU B 306 23.15 6.35 3.60
CA LEU B 306 22.06 6.39 4.57
C LEU B 306 22.45 5.70 5.87
N PRO B 307 21.69 5.87 6.95
CA PRO B 307 22.07 5.21 8.21
C PRO B 307 21.80 3.71 8.20
N PHE B 308 20.90 3.25 7.35
CA PHE B 308 20.68 1.83 7.14
C PHE B 308 21.35 1.44 5.83
N ASP B 309 22.16 0.39 5.88
CA ASP B 309 22.87 -0.08 4.71
C ASP B 309 21.95 -0.91 3.83
N ALA B 310 22.51 -1.43 2.73
CA ALA B 310 21.78 -2.21 1.74
C ALA B 310 20.93 -3.31 2.36
N ASN B 311 21.36 -3.86 3.50
CA ASN B 311 20.64 -4.91 4.21
C ASN B 311 19.70 -4.36 5.30
N TYR B 312 19.39 -3.06 5.27
CA TYR B 312 18.48 -2.42 6.21
C TYR B 312 18.94 -2.56 7.64
N LYS B 313 20.23 -2.68 7.81
CA LYS B 313 20.81 -2.83 9.11
C LYS B 313 21.53 -1.56 9.52
N PRO B 314 21.41 -1.15 10.78
CA PRO B 314 21.92 0.17 11.18
C PRO B 314 23.42 0.29 11.00
N LYS B 315 23.85 1.52 10.71
CA LYS B 315 25.26 1.86 10.61
C LYS B 315 25.68 2.63 11.85
N MET B 316 26.99 2.84 11.95
CA MET B 316 27.51 3.77 12.95
C MET B 316 26.78 5.11 12.90
N ALA B 317 26.42 5.53 11.68
CA ALA B 317 25.72 6.80 11.50
C ALA B 317 24.39 6.80 12.22
N TYR B 318 23.61 5.72 12.06
CA TYR B 318 22.38 5.59 12.82
C TYR B 318 22.66 5.66 14.31
N ASP B 319 23.77 5.08 14.74
CA ASP B 319 24.16 5.15 16.14
C ASP B 319 24.81 6.47 16.52
N TYR B 320 25.26 7.26 15.54
CA TYR B 320 25.62 8.63 15.84
C TYR B 320 24.40 9.55 15.90
N ILE B 321 23.34 9.22 15.17
CA ILE B 321 22.13 10.03 15.13
C ILE B 321 21.19 9.69 16.28
N LYS B 322 20.90 8.39 16.43
CA LYS B 322 20.07 7.91 17.54
C LYS B 322 20.68 8.32 18.86
N GLN B 323 21.94 8.00 19.05
CA GLN B 323 22.65 8.30 20.29
C GLN B 323 23.25 9.70 20.28
N MET B 324 22.81 10.57 19.38
CA MET B 324 23.21 11.96 19.34
C MET B 324 24.70 12.12 19.55
N LYS B 325 25.49 11.35 18.81
CA LYS B 325 26.91 11.39 19.06
C LYS B 325 27.56 12.48 18.23
N ALA B 326 28.69 12.81 18.61
CA ALA B 326 29.53 13.82 18.04
C ALA B 326 30.49 13.20 17.04
N PRO B 327 30.85 13.95 16.01
CA PRO B 327 31.82 13.46 15.04
C PRO B 327 33.06 12.95 15.74
N ALA B 328 33.61 11.84 15.23
CA ALA B 328 34.90 11.35 15.68
C ALA B 328 36.05 12.15 15.09
N TRP B 329 36.08 12.28 13.77
CA TRP B 329 37.14 13.01 13.09
C TRP B 329 36.68 14.39 12.69
N PRO B 330 37.62 15.24 12.30
CA PRO B 330 37.24 16.45 11.58
C PRO B 330 36.61 16.12 10.23
N ILE B 331 35.92 17.11 9.67
CA ILE B 331 35.31 17.02 8.35
C ILE B 331 36.43 16.68 7.39
N PRO B 332 36.29 15.63 6.59
CA PRO B 332 37.40 15.21 5.71
C PRO B 332 37.81 16.33 4.77
N GLU B 333 39.07 16.28 4.35
CA GLU B 333 39.58 17.24 3.38
C GLU B 333 39.05 16.90 1.99
N LYS B 334 38.94 17.96 1.11
CA LYS B 334 38.28 17.68 -0.17
C LYS B 334 39.29 17.51 -1.30
N PRO B 335 38.99 16.63 -2.29
CA PRO B 335 39.71 16.43 -3.56
C PRO B 335 40.20 17.73 -4.25
#